data_7A12
#
_entry.id   7A12
#
_cell.length_a   88.424
_cell.length_b   100.628
_cell.length_c   99.031
_cell.angle_alpha   90.000
_cell.angle_beta   90.000
_cell.angle_gamma   90.000
#
_symmetry.space_group_name_H-M   'C 2 2 21'
#
loop_
_entity.id
_entity.type
_entity.pdbx_description
1 polymer 'Methionine aminopeptidase 2'
2 non-polymer 'PHOSPHATE ION'
3 non-polymer 5-chloranyl-3-phenyl-1~{H}-indole-2-carboxamide
4 non-polymer 'MANGANESE (II) ION'
5 water water
#
_entity_poly.entity_id   1
_entity_poly.type   'polypeptide(L)'
_entity_poly.pdbx_seq_one_letter_code
;GPKVQTDPPSVPICDLYPNGVFPKGQECEYPPTQDGRTAAWRTTSEEKKALDQASEEIWNDFREAAEAHRQVRKYVMSWI
KPGMTMIEICEKLEDCSRKLIKENGLNAGLAFPTGCSLNNCAAHYTPNAGDTTVLQYDDICKIDFGTHISGRIIDCAFTV
TFNPKYDTLLKAVKDATNTGIKCAGIDVRLCDVGEAIQEVMESYEVEIDGKTYQVKPIRNLNGHSIGQYRIHAGKTVPIV
KGGEATRMEEGEVYAIETFGSTGKGVVHDDMECSHYMKNFDVGHVPIRLPRTKHLLNVINENFGTLAFCRRWLDRLGESK
YLMALKNLCDLGIVDPYPPLCDIKGSYTAQFEHTILLRPTCKEVVSRGDDY
;
_entity_poly.pdbx_strand_id   A
#
loop_
_chem_comp.id
_chem_comp.type
_chem_comp.name
_chem_comp.formula
MN non-polymer 'MANGANESE (II) ION' 'Mn 2'
PO4 non-polymer 'PHOSPHATE ION' 'O4 P -3'
QVK non-polymer 5-chloranyl-3-phenyl-1~{H}-indole-2-carboxamide 'C15 H11 Cl N2 O'
#
# COMPACT_ATOMS: atom_id res chain seq x y z
N LYS A 3 14.26 22.32 14.71
CA LYS A 3 14.59 20.95 14.32
C LYS A 3 14.24 20.71 12.85
N VAL A 4 15.28 20.43 12.02
CA VAL A 4 15.17 20.16 10.57
C VAL A 4 15.62 18.74 10.25
N GLN A 5 15.18 18.20 9.10
CA GLN A 5 15.54 16.84 8.67
C GLN A 5 16.98 16.74 8.16
N THR A 6 17.66 15.65 8.55
CA THR A 6 19.03 15.31 8.17
C THR A 6 19.02 14.47 6.88
N ASP A 7 20.20 14.23 6.29
CA ASP A 7 20.34 13.35 5.13
C ASP A 7 21.50 12.38 5.36
N PRO A 8 21.27 11.06 5.58
CA PRO A 8 19.99 10.32 5.55
C PRO A 8 18.95 10.77 6.59
N PRO A 9 17.62 10.69 6.29
CA PRO A 9 16.61 11.10 7.28
C PRO A 9 16.70 10.25 8.54
N SER A 10 16.68 10.90 9.72
CA SER A 10 16.79 10.25 11.03
C SER A 10 15.89 10.93 12.07
N VAL A 11 15.41 12.14 11.77
CA VAL A 11 14.59 12.88 12.71
C VAL A 11 13.11 12.46 12.57
N PRO A 12 12.48 11.97 13.66
CA PRO A 12 11.06 11.59 13.59
C PRO A 12 10.15 12.71 13.09
N ILE A 13 9.07 12.35 12.38
CA ILE A 13 8.13 13.33 11.85
C ILE A 13 7.51 14.15 13.00
N CYS A 14 7.16 13.50 14.15
CA CYS A 14 6.58 14.23 15.28
C CYS A 14 7.56 15.24 15.94
N ASP A 15 8.89 15.15 15.66
CA ASP A 15 9.90 16.10 16.14
C ASP A 15 9.95 17.33 15.22
N LEU A 16 9.72 17.12 13.90
CA LEU A 16 9.70 18.18 12.89
C LEU A 16 8.44 19.04 13.00
N TYR A 17 7.34 18.48 13.57
CA TYR A 17 6.07 19.21 13.80
C TYR A 17 5.67 19.06 15.29
N PRO A 18 6.35 19.80 16.22
CA PRO A 18 6.08 19.64 17.68
C PRO A 18 4.63 19.82 18.16
N ASN A 19 3.86 20.72 17.53
CA ASN A 19 2.45 20.99 17.89
C ASN A 19 1.51 19.87 17.43
N GLY A 20 2.07 18.91 16.69
CA GLY A 20 1.33 17.75 16.21
C GLY A 20 0.34 18.05 15.13
N VAL A 21 0.61 19.10 14.33
CA VAL A 21 -0.20 19.49 13.18
C VAL A 21 0.69 19.16 11.98
N PHE A 22 0.32 18.14 11.21
CA PHE A 22 1.14 17.67 10.11
C PHE A 22 0.67 18.17 8.75
N PRO A 23 1.57 18.27 7.74
CA PRO A 23 1.17 18.78 6.42
C PRO A 23 0.01 18.03 5.77
N LYS A 24 -0.93 18.78 5.19
CA LYS A 24 -2.06 18.14 4.48
C LYS A 24 -1.53 17.54 3.16
N GLY A 25 -2.25 16.57 2.64
CA GLY A 25 -1.92 16.00 1.33
C GLY A 25 -2.52 16.91 0.27
N GLN A 26 -2.70 16.40 -0.95
CA GLN A 26 -3.31 17.21 -2.03
C GLN A 26 -4.81 17.28 -1.77
N GLU A 27 -5.37 18.49 -1.73
CA GLU A 27 -6.82 18.65 -1.51
C GLU A 27 -7.58 18.87 -2.80
N CYS A 28 -8.56 17.99 -3.05
CA CYS A 28 -9.36 18.00 -4.26
C CYS A 28 -10.81 18.21 -3.98
N GLU A 29 -11.42 19.01 -4.84
CA GLU A 29 -12.83 19.24 -4.85
C GLU A 29 -13.39 17.93 -5.41
N TYR A 30 -14.53 17.45 -4.86
CA TYR A 30 -15.18 16.24 -5.30
C TYR A 30 -15.64 16.31 -6.75
N PRO A 31 -15.52 15.21 -7.54
CA PRO A 31 -15.92 15.27 -8.95
C PRO A 31 -17.43 15.46 -9.14
N PRO A 32 -17.87 16.11 -10.26
CA PRO A 32 -19.32 16.26 -10.48
C PRO A 32 -20.00 14.91 -10.71
N THR A 33 -21.25 14.78 -10.24
CA THR A 33 -22.04 13.56 -10.38
C THR A 33 -22.44 13.26 -11.85
N GLN A 34 -22.89 12.02 -12.10
CA GLN A 34 -23.32 11.52 -13.43
C GLN A 34 -24.53 12.30 -13.98
N ASP A 35 -25.22 13.07 -13.11
CA ASP A 35 -26.35 13.94 -13.45
C ASP A 35 -25.90 15.31 -13.98
N GLY A 36 -24.62 15.62 -13.79
CA GLY A 36 -23.99 16.86 -14.24
C GLY A 36 -23.75 17.91 -13.16
N ARG A 37 -24.46 17.79 -12.01
CA ARG A 37 -24.34 18.72 -10.89
C ARG A 37 -23.05 18.57 -10.10
N THR A 38 -22.39 19.71 -9.79
CA THR A 38 -21.13 19.78 -9.05
C THR A 38 -21.30 19.43 -7.57
N ALA A 39 -20.27 18.80 -6.97
CA ALA A 39 -20.26 18.44 -5.55
C ALA A 39 -19.39 19.43 -4.75
N ALA A 40 -18.97 20.53 -5.42
CA ALA A 40 -18.15 21.63 -4.90
C ALA A 40 -18.66 22.31 -3.62
N TRP A 41 -20.00 22.29 -3.39
CA TRP A 41 -20.70 22.88 -2.22
C TRP A 41 -20.14 22.40 -0.86
N ARG A 42 -19.57 21.18 -0.82
CA ARG A 42 -19.00 20.55 0.38
C ARG A 42 -17.83 21.36 0.95
N THR A 43 -17.03 21.99 0.06
CA THR A 43 -15.87 22.82 0.41
C THR A 43 -16.29 23.99 1.31
N THR A 44 -17.50 24.53 1.06
CA THR A 44 -18.05 25.71 1.72
C THR A 44 -19.25 25.42 2.68
N SER A 45 -19.73 24.15 2.74
CA SER A 45 -20.84 23.77 3.63
C SER A 45 -20.38 23.83 5.08
N GLU A 46 -21.07 24.67 5.90
CA GLU A 46 -20.75 24.88 7.31
C GLU A 46 -20.92 23.63 8.15
N GLU A 47 -21.91 22.80 7.78
CA GLU A 47 -22.21 21.50 8.40
C GLU A 47 -21.03 20.53 8.09
N LYS A 48 -20.61 20.46 6.81
CA LYS A 48 -19.50 19.60 6.38
C LYS A 48 -18.18 20.03 7.00
N LYS A 49 -17.95 21.35 7.15
CA LYS A 49 -16.76 21.91 7.79
C LYS A 49 -16.69 21.50 9.27
N ALA A 50 -17.86 21.43 9.95
CA ALA A 50 -17.97 21.01 11.35
C ALA A 50 -17.66 19.51 11.50
N LEU A 51 -18.25 18.66 10.63
CA LEU A 51 -18.03 17.21 10.63
C LEU A 51 -16.56 16.87 10.30
N ASP A 52 -15.89 17.75 9.54
CA ASP A 52 -14.50 17.61 9.13
C ASP A 52 -13.56 17.90 10.28
N GLN A 53 -13.84 18.98 11.07
CA GLN A 53 -13.01 19.33 12.22
C GLN A 53 -13.19 18.35 13.39
N ALA A 54 -14.35 17.67 13.46
CA ALA A 54 -14.66 16.65 14.46
C ALA A 54 -13.69 15.46 14.35
N SER A 55 -13.21 15.18 13.12
CA SER A 55 -12.28 14.09 12.83
C SER A 55 -10.87 14.59 12.53
N GLU A 56 -10.54 15.84 12.92
CA GLU A 56 -9.22 16.44 12.65
C GLU A 56 -8.05 15.60 13.19
N GLU A 57 -8.19 14.99 14.38
CA GLU A 57 -7.16 14.16 15.01
C GLU A 57 -6.87 12.94 14.13
N ILE A 58 -7.92 12.34 13.56
CA ILE A 58 -7.83 11.19 12.67
C ILE A 58 -7.04 11.57 11.40
N TRP A 59 -7.49 12.62 10.67
CA TRP A 59 -6.80 13.07 9.44
C TRP A 59 -5.38 13.43 9.75
N ASN A 60 -5.17 14.02 10.92
CA ASN A 60 -3.85 14.41 11.36
C ASN A 60 -2.88 13.20 11.57
N ASP A 61 -3.41 12.06 12.06
CA ASP A 61 -2.62 10.82 12.24
C ASP A 61 -2.21 10.25 10.84
N PHE A 62 -3.14 10.29 9.85
CA PHE A 62 -2.85 9.87 8.47
C PHE A 62 -1.74 10.72 7.88
N ARG A 63 -1.82 12.07 8.06
CA ARG A 63 -0.83 13.04 7.58
C ARG A 63 0.55 12.81 8.15
N GLU A 64 0.65 12.51 9.45
CA GLU A 64 1.97 12.21 10.03
C GLU A 64 2.53 10.96 9.36
N ALA A 65 1.71 9.90 9.25
CA ALA A 65 2.11 8.65 8.62
C ALA A 65 2.48 8.87 7.12
N ALA A 66 1.78 9.80 6.43
CA ALA A 66 2.00 10.11 5.01
C ALA A 66 3.28 10.91 4.81
N GLU A 67 3.63 11.77 5.78
CA GLU A 67 4.87 12.55 5.70
C GLU A 67 6.07 11.62 5.92
N ALA A 68 5.92 10.63 6.82
CA ALA A 68 6.96 9.62 7.05
C ALA A 68 7.13 8.85 5.73
N HIS A 69 5.99 8.49 5.08
CA HIS A 69 6.01 7.76 3.79
C HIS A 69 6.75 8.54 2.68
N ARG A 70 6.44 9.84 2.48
CA ARG A 70 7.10 10.71 1.49
C ARG A 70 8.62 10.77 1.73
N GLN A 71 9.04 11.01 2.97
CA GLN A 71 10.46 11.12 3.30
C GLN A 71 11.20 9.80 3.19
N VAL A 72 10.55 8.68 3.59
CA VAL A 72 11.15 7.34 3.43
C VAL A 72 11.32 7.02 1.95
N ARG A 73 10.26 7.21 1.11
CA ARG A 73 10.37 6.87 -0.32
C ARG A 73 11.36 7.78 -1.08
N LYS A 74 11.46 9.09 -0.72
CA LYS A 74 12.44 9.97 -1.35
C LYS A 74 13.88 9.44 -1.05
N TYR A 75 14.14 9.02 0.20
CA TYR A 75 15.42 8.41 0.64
C TYR A 75 15.72 7.12 -0.16
N VAL A 76 14.73 6.19 -0.27
CA VAL A 76 14.87 4.94 -1.04
C VAL A 76 15.27 5.20 -2.51
N MET A 77 14.59 6.19 -3.16
CA MET A 77 14.83 6.52 -4.56
CA MET A 77 14.85 6.56 -4.54
C MET A 77 16.27 6.99 -4.81
N SER A 78 16.89 7.66 -3.83
CA SER A 78 18.26 8.14 -3.93
C SER A 78 19.34 7.05 -3.85
N TRP A 79 19.02 5.84 -3.32
CA TRP A 79 20.03 4.78 -3.20
C TRP A 79 19.65 3.43 -3.82
N ILE A 80 18.37 3.18 -4.14
CA ILE A 80 17.95 1.89 -4.66
C ILE A 80 18.66 1.63 -5.99
N LYS A 81 19.45 0.55 -6.06
CA LYS A 81 20.24 0.28 -7.26
C LYS A 81 20.35 -1.21 -7.52
N PRO A 82 20.51 -1.61 -8.82
CA PRO A 82 20.78 -3.02 -9.12
C PRO A 82 22.12 -3.41 -8.50
N GLY A 83 22.20 -4.64 -8.03
CA GLY A 83 23.37 -5.13 -7.30
C GLY A 83 23.03 -5.37 -5.85
N MET A 84 22.12 -4.57 -5.28
CA MET A 84 21.70 -4.75 -3.89
C MET A 84 20.84 -6.00 -3.76
N THR A 85 20.91 -6.70 -2.62
CA THR A 85 20.01 -7.84 -2.44
C THR A 85 18.62 -7.31 -2.03
N MET A 86 17.55 -8.08 -2.27
CA MET A 86 16.21 -7.63 -1.83
C MET A 86 16.15 -7.41 -0.30
N ILE A 87 16.84 -8.29 0.47
CA ILE A 87 16.94 -8.18 1.93
C ILE A 87 17.53 -6.82 2.31
N GLU A 88 18.67 -6.43 1.71
CA GLU A 88 19.37 -5.15 1.98
C GLU A 88 18.43 -3.97 1.74
N ILE A 89 17.68 -4.02 0.62
CA ILE A 89 16.75 -2.96 0.25
C ILE A 89 15.67 -2.82 1.32
N CYS A 90 15.02 -3.95 1.69
CA CYS A 90 13.93 -3.95 2.66
C CYS A 90 14.38 -3.52 4.03
N GLU A 91 15.56 -4.00 4.48
CA GLU A 91 16.06 -3.60 5.80
C GLU A 91 16.43 -2.13 5.88
N LYS A 92 17.10 -1.58 4.84
CA LYS A 92 17.48 -0.16 4.79
C LYS A 92 16.22 0.72 4.76
N LEU A 93 15.20 0.33 4.00
CA LEU A 93 13.95 1.09 3.95
C LEU A 93 13.24 1.03 5.33
N GLU A 94 13.06 -0.17 5.89
CA GLU A 94 12.34 -0.36 7.16
C GLU A 94 13.03 0.30 8.35
N ASP A 95 14.39 0.31 8.39
CA ASP A 95 15.15 0.99 9.44
C ASP A 95 14.81 2.50 9.40
N CYS A 96 14.78 3.11 8.20
CA CYS A 96 14.42 4.52 8.08
C CYS A 96 12.94 4.74 8.47
N SER A 97 12.06 3.85 8.03
CA SER A 97 10.63 3.95 8.32
C SER A 97 10.35 3.91 9.85
N ARG A 98 10.99 2.98 10.56
CA ARG A 98 10.87 2.84 12.01
C ARG A 98 11.28 4.15 12.75
N LYS A 99 12.39 4.75 12.33
CA LYS A 99 12.89 6.01 12.89
C LYS A 99 11.94 7.21 12.63
N LEU A 100 11.53 7.41 11.37
CA LEU A 100 10.66 8.55 11.00
C LEU A 100 9.25 8.46 11.56
N ILE A 101 8.72 7.24 11.74
CA ILE A 101 7.37 7.10 12.30
C ILE A 101 7.43 7.11 13.84
N LYS A 102 8.67 7.00 14.41
CA LYS A 102 8.96 6.84 15.83
C LYS A 102 8.19 5.61 16.35
N GLU A 103 8.55 4.42 15.83
CA GLU A 103 7.92 3.15 16.18
C GLU A 103 7.65 3.01 17.71
N ASN A 104 6.39 2.69 18.09
CA ASN A 104 5.96 2.60 19.49
C ASN A 104 4.88 1.55 19.61
N GLY A 105 5.29 0.29 19.66
CA GLY A 105 4.40 -0.85 19.75
C GLY A 105 3.33 -0.78 18.67
N LEU A 106 2.06 -0.91 19.07
CA LEU A 106 0.93 -0.81 18.17
C LEU A 106 0.41 0.63 17.98
N ASN A 107 1.05 1.63 18.62
CA ASN A 107 0.61 3.04 18.53
C ASN A 107 1.22 3.84 17.35
N ALA A 108 2.39 3.40 16.84
CA ALA A 108 3.10 3.99 15.69
C ALA A 108 4.01 2.89 15.15
N GLY A 109 4.04 2.72 13.84
CA GLY A 109 4.89 1.68 13.29
C GLY A 109 4.72 1.39 11.83
N LEU A 110 5.10 0.19 11.45
CA LEU A 110 5.05 -0.27 10.06
C LEU A 110 3.74 -0.97 9.88
N ALA A 111 2.91 -0.47 8.95
CA ALA A 111 1.55 -1.01 8.73
C ALA A 111 1.57 -2.43 8.15
N PHE A 112 2.57 -2.72 7.30
CA PHE A 112 2.69 -4.00 6.65
C PHE A 112 4.08 -4.16 6.07
N PRO A 113 4.47 -5.41 5.67
CA PRO A 113 5.84 -5.61 5.14
C PRO A 113 6.15 -4.84 3.86
N THR A 114 7.44 -4.60 3.64
CA THR A 114 7.87 -3.90 2.45
C THR A 114 7.77 -4.83 1.25
N GLY A 115 6.80 -4.56 0.39
CA GLY A 115 6.69 -5.31 -0.85
C GLY A 115 7.80 -4.79 -1.78
N CYS A 116 8.45 -5.70 -2.49
CA CYS A 116 9.47 -5.34 -3.48
C CYS A 116 9.35 -6.34 -4.65
N SER A 117 8.10 -6.73 -4.97
CA SER A 117 7.76 -7.69 -6.02
C SER A 117 8.41 -7.34 -7.36
N LEU A 118 8.98 -8.37 -7.98
CA LEU A 118 9.73 -8.24 -9.22
C LEU A 118 9.08 -8.83 -10.44
N ASN A 119 9.21 -8.08 -11.56
CA ASN A 119 8.86 -8.49 -12.91
C ASN A 119 7.42 -8.98 -13.05
N ASN A 120 7.21 -10.28 -13.34
CA ASN A 120 5.85 -10.83 -13.47
C ASN A 120 5.12 -10.86 -12.13
N CYS A 121 5.86 -10.76 -11.01
CA CYS A 121 5.22 -10.72 -9.70
C CYS A 121 4.83 -9.32 -9.37
N ALA A 122 3.55 -9.13 -9.08
CA ALA A 122 2.93 -7.81 -8.90
C ALA A 122 2.86 -7.32 -7.46
N ALA A 123 2.68 -8.24 -6.51
CA ALA A 123 2.43 -7.90 -5.12
C ALA A 123 2.75 -9.03 -4.16
N HIS A 124 2.96 -8.66 -2.89
CA HIS A 124 3.10 -9.56 -1.75
C HIS A 124 4.35 -10.41 -1.75
N TYR A 125 5.42 -9.92 -2.38
CA TYR A 125 6.71 -10.56 -2.24
C TYR A 125 7.59 -9.62 -1.38
N THR A 126 8.15 -10.17 -0.33
CA THR A 126 9.20 -9.58 0.48
C THR A 126 10.17 -10.78 0.74
N PRO A 127 11.50 -10.61 0.75
CA PRO A 127 12.38 -11.75 1.00
C PRO A 127 12.23 -12.34 2.40
N ASN A 128 12.30 -13.68 2.50
CA ASN A 128 12.38 -14.40 3.76
C ASN A 128 13.89 -14.54 4.06
N ALA A 129 14.27 -14.94 5.29
CA ALA A 129 15.70 -15.15 5.63
C ALA A 129 16.35 -16.13 4.62
N GLY A 130 17.60 -15.87 4.25
CA GLY A 130 18.32 -16.74 3.31
C GLY A 130 18.06 -16.46 1.84
N ASP A 131 17.16 -15.51 1.55
CA ASP A 131 16.82 -15.19 0.16
C ASP A 131 17.99 -14.39 -0.43
N THR A 132 18.61 -14.95 -1.47
CA THR A 132 19.79 -14.37 -2.11
C THR A 132 19.46 -13.51 -3.34
N THR A 133 18.14 -13.31 -3.62
CA THR A 133 17.71 -12.50 -4.78
C THR A 133 18.37 -11.15 -4.77
N VAL A 134 18.89 -10.79 -5.92
CA VAL A 134 19.58 -9.52 -6.14
C VAL A 134 18.78 -8.71 -7.15
N LEU A 135 18.60 -7.41 -6.90
CA LEU A 135 17.94 -6.52 -7.84
C LEU A 135 18.83 -6.38 -9.12
N GLN A 136 18.24 -6.62 -10.27
CA GLN A 136 18.90 -6.59 -11.58
C GLN A 136 18.57 -5.31 -12.32
N TYR A 137 19.47 -4.90 -13.25
CA TYR A 137 19.30 -3.70 -14.10
C TYR A 137 17.96 -3.71 -14.86
N ASP A 138 17.55 -4.87 -15.39
CA ASP A 138 16.31 -5.01 -16.14
C ASP A 138 15.09 -5.32 -15.25
N ASP A 139 15.24 -5.33 -13.92
CA ASP A 139 14.07 -5.61 -13.09
C ASP A 139 13.10 -4.44 -13.03
N ILE A 140 11.82 -4.76 -12.91
CA ILE A 140 10.72 -3.82 -12.66
C ILE A 140 10.20 -4.18 -11.24
N CYS A 141 10.58 -3.35 -10.27
CA CYS A 141 10.38 -3.57 -8.84
C CYS A 141 9.26 -2.72 -8.24
N LYS A 142 8.27 -3.37 -7.59
CA LYS A 142 7.19 -2.59 -6.99
C LYS A 142 7.47 -2.40 -5.51
N ILE A 143 7.79 -1.16 -5.11
CA ILE A 143 8.06 -0.81 -3.71
C ILE A 143 6.74 -0.40 -3.10
N ASP A 144 6.22 -1.23 -2.21
CA ASP A 144 4.93 -1.00 -1.61
C ASP A 144 5.11 -1.15 -0.13
N PHE A 145 5.12 -0.04 0.58
CA PHE A 145 5.36 -0.13 2.03
C PHE A 145 4.36 0.72 2.76
N GLY A 146 4.13 0.39 4.02
CA GLY A 146 3.16 1.10 4.84
C GLY A 146 3.63 1.61 6.18
N THR A 147 3.03 2.73 6.60
CA THR A 147 3.27 3.37 7.88
C THR A 147 1.92 3.56 8.54
N HIS A 148 1.90 3.67 9.87
CA HIS A 148 0.67 3.99 10.58
C HIS A 148 0.93 4.79 11.86
N ILE A 149 -0.07 5.58 12.25
CA ILE A 149 -0.13 6.29 13.53
C ILE A 149 -1.48 5.89 14.07
N SER A 150 -1.49 5.19 15.23
CA SER A 150 -2.71 4.73 15.91
C SER A 150 -3.63 3.93 15.00
N GLY A 151 -3.04 3.12 14.12
CA GLY A 151 -3.80 2.29 13.21
C GLY A 151 -4.39 3.00 12.02
N ARG A 152 -4.02 4.28 11.81
CA ARG A 152 -4.42 5.07 10.64
C ARG A 152 -3.32 4.78 9.62
N ILE A 153 -3.62 3.88 8.68
CA ILE A 153 -2.67 3.33 7.73
C ILE A 153 -2.47 4.12 6.43
N ILE A 154 -1.21 4.34 6.07
CA ILE A 154 -0.82 4.85 4.75
C ILE A 154 -0.35 3.63 3.89
N ASP A 155 -1.11 3.32 2.83
CA ASP A 155 -0.83 2.24 1.88
C ASP A 155 -0.54 2.97 0.59
N CYS A 156 0.74 3.01 0.20
CA CYS A 156 1.19 3.86 -0.89
C CYS A 156 2.39 3.16 -1.54
N ALA A 157 2.40 3.16 -2.88
CA ALA A 157 3.40 2.40 -3.64
C ALA A 157 3.75 2.99 -4.97
N PHE A 158 4.97 2.66 -5.43
CA PHE A 158 5.50 3.10 -6.72
C PHE A 158 6.37 1.98 -7.35
N THR A 159 6.69 2.13 -8.64
CA THR A 159 7.50 1.15 -9.36
C THR A 159 8.86 1.75 -9.68
N VAL A 160 9.91 0.98 -9.35
CA VAL A 160 11.32 1.31 -9.54
C VAL A 160 11.80 0.55 -10.80
N THR A 161 12.48 1.28 -11.71
CA THR A 161 13.13 0.71 -12.92
C THR A 161 14.46 1.45 -13.13
N PHE A 162 15.39 0.85 -13.89
CA PHE A 162 16.69 1.43 -14.24
C PHE A 162 16.83 1.46 -15.74
N ASN A 163 16.04 0.63 -16.44
CA ASN A 163 16.04 0.54 -17.89
C ASN A 163 14.85 1.34 -18.44
N PRO A 164 15.12 2.37 -19.30
CA PRO A 164 13.99 3.17 -19.86
C PRO A 164 12.99 2.41 -20.72
N LYS A 165 13.27 1.15 -21.09
CA LYS A 165 12.34 0.33 -21.88
C LYS A 165 10.94 0.20 -21.25
N TYR A 166 10.83 0.34 -19.90
CA TYR A 166 9.56 0.26 -19.18
C TYR A 166 8.87 1.63 -19.00
N ASP A 167 9.47 2.73 -19.48
CA ASP A 167 8.91 4.08 -19.23
C ASP A 167 7.40 4.24 -19.58
N THR A 168 6.97 3.74 -20.74
CA THR A 168 5.57 3.89 -21.15
CA THR A 168 5.57 3.84 -21.20
C THR A 168 4.65 2.97 -20.36
N LEU A 169 5.15 1.80 -19.87
CA LEU A 169 4.34 0.91 -19.02
C LEU A 169 4.09 1.65 -17.68
N LEU A 170 5.15 2.28 -17.12
CA LEU A 170 5.05 3.07 -15.87
C LEU A 170 4.07 4.24 -16.01
N LYS A 171 4.17 4.97 -17.15
CA LYS A 171 3.29 6.10 -17.49
C LYS A 171 1.83 5.65 -17.54
N ALA A 172 1.56 4.48 -18.15
CA ALA A 172 0.20 3.92 -18.30
C ALA A 172 -0.46 3.66 -16.93
N VAL A 173 0.30 3.00 -16.05
CA VAL A 173 -0.18 2.64 -14.71
C VAL A 173 -0.32 3.89 -13.86
N LYS A 174 0.65 4.82 -13.95
CA LYS A 174 0.59 6.09 -13.18
C LYS A 174 -0.67 6.90 -13.58
N ASP A 175 -0.92 6.97 -14.90
CA ASP A 175 -2.10 7.68 -15.47
C ASP A 175 -3.38 7.00 -14.97
N ALA A 176 -3.44 5.66 -15.03
CA ALA A 176 -4.59 4.89 -14.57
C ALA A 176 -4.88 5.07 -13.06
N THR A 177 -3.81 5.15 -12.21
CA THR A 177 -3.98 5.36 -10.76
C THR A 177 -4.52 6.76 -10.53
N ASN A 178 -3.93 7.75 -11.20
CA ASN A 178 -4.33 9.15 -11.10
C ASN A 178 -5.77 9.36 -11.55
N THR A 179 -6.23 8.57 -12.55
CA THR A 179 -7.61 8.58 -13.07
C THR A 179 -8.56 8.03 -12.01
N GLY A 180 -8.16 6.91 -11.40
CA GLY A 180 -8.91 6.27 -10.32
C GLY A 180 -9.12 7.22 -9.18
N ILE A 181 -8.07 7.97 -8.83
CA ILE A 181 -8.04 9.00 -7.78
C ILE A 181 -8.98 10.17 -8.17
N LYS A 182 -8.88 10.68 -9.40
CA LYS A 182 -9.73 11.79 -9.87
C LYS A 182 -11.23 11.45 -9.85
N CYS A 183 -11.59 10.22 -10.28
CA CYS A 183 -12.98 9.77 -10.36
C CYS A 183 -13.58 9.30 -9.02
N ALA A 184 -12.75 9.05 -8.00
CA ALA A 184 -13.24 8.63 -6.68
C ALA A 184 -13.92 9.82 -6.00
N GLY A 185 -14.94 9.51 -5.20
CA GLY A 185 -15.66 10.53 -4.44
C GLY A 185 -16.82 9.97 -3.67
N ILE A 186 -17.38 10.79 -2.75
CA ILE A 186 -18.53 10.37 -1.93
C ILE A 186 -19.71 10.11 -2.88
N ASP A 187 -20.35 8.93 -2.73
CA ASP A 187 -21.51 8.43 -3.46
C ASP A 187 -21.16 7.87 -4.85
N VAL A 188 -19.87 7.94 -5.26
CA VAL A 188 -19.46 7.38 -6.55
C VAL A 188 -19.47 5.86 -6.43
N ARG A 189 -20.02 5.16 -7.44
CA ARG A 189 -20.07 3.70 -7.46
C ARG A 189 -18.66 3.16 -7.67
N LEU A 190 -18.29 2.11 -6.90
CA LEU A 190 -16.95 1.50 -6.99
C LEU A 190 -16.62 1.00 -8.39
N CYS A 191 -17.61 0.42 -9.11
CA CYS A 191 -17.43 -0.07 -10.48
CA CYS A 191 -17.43 -0.07 -10.48
C CYS A 191 -17.17 1.05 -11.50
N ASP A 192 -17.64 2.28 -11.22
CA ASP A 192 -17.39 3.42 -12.12
C ASP A 192 -15.93 3.88 -12.06
N VAL A 193 -15.31 3.78 -10.87
CA VAL A 193 -13.89 4.10 -10.64
C VAL A 193 -13.06 3.05 -11.40
N GLY A 194 -13.48 1.78 -11.30
CA GLY A 194 -12.87 0.65 -11.99
C GLY A 194 -12.94 0.74 -13.50
N GLU A 195 -14.11 1.15 -14.05
CA GLU A 195 -14.30 1.31 -15.49
C GLU A 195 -13.37 2.42 -16.01
N ALA A 196 -13.27 3.55 -15.28
CA ALA A 196 -12.40 4.68 -15.65
C ALA A 196 -10.93 4.26 -15.65
N ILE A 197 -10.50 3.49 -14.61
CA ILE A 197 -9.12 2.97 -14.49
C ILE A 197 -8.78 2.13 -15.73
N GLN A 198 -9.64 1.14 -16.05
CA GLN A 198 -9.48 0.22 -17.17
C GLN A 198 -9.36 0.92 -18.52
N GLU A 199 -10.23 1.93 -18.77
CA GLU A 199 -10.23 2.69 -20.03
C GLU A 199 -8.90 3.40 -20.26
N VAL A 200 -8.38 4.07 -19.22
CA VAL A 200 -7.11 4.78 -19.35
C VAL A 200 -5.96 3.77 -19.56
N MET A 201 -5.94 2.68 -18.77
CA MET A 201 -4.91 1.65 -18.80
C MET A 201 -4.75 1.03 -20.20
N GLU A 202 -5.87 0.57 -20.76
CA GLU A 202 -5.93 -0.10 -22.07
C GLU A 202 -5.74 0.84 -23.28
N SER A 203 -5.68 2.15 -23.05
CA SER A 203 -5.45 3.11 -24.13
C SER A 203 -3.98 3.16 -24.48
N TYR A 204 -3.13 2.48 -23.65
CA TYR A 204 -1.70 2.47 -23.87
C TYR A 204 -1.22 1.19 -24.53
N GLU A 205 -0.27 1.35 -25.45
CA GLU A 205 0.45 0.25 -26.04
C GLU A 205 1.91 0.50 -25.76
N VAL A 206 2.67 -0.55 -25.43
CA VAL A 206 4.09 -0.42 -25.09
C VAL A 206 4.92 -1.38 -25.90
N GLU A 207 6.18 -1.06 -26.12
CA GLU A 207 7.11 -1.94 -26.80
C GLU A 207 8.27 -2.19 -25.84
N ILE A 208 8.55 -3.46 -25.55
CA ILE A 208 9.63 -3.88 -24.65
C ILE A 208 10.41 -4.98 -25.37
N ASP A 209 11.70 -4.73 -25.62
CA ASP A 209 12.62 -5.69 -26.29
C ASP A 209 12.09 -6.26 -27.64
N GLY A 210 11.61 -5.37 -28.50
CA GLY A 210 11.10 -5.72 -29.82
C GLY A 210 9.73 -6.36 -29.83
N LYS A 211 9.07 -6.46 -28.63
CA LYS A 211 7.73 -7.03 -28.52
C LYS A 211 6.75 -5.96 -28.11
N THR A 212 5.51 -6.02 -28.62
CA THR A 212 4.53 -4.98 -28.33
C THR A 212 3.37 -5.56 -27.55
N TYR A 213 2.77 -4.75 -26.68
CA TYR A 213 1.67 -5.22 -25.86
C TYR A 213 0.71 -4.09 -25.62
N GLN A 214 -0.57 -4.43 -25.45
CA GLN A 214 -1.55 -3.47 -25.01
C GLN A 214 -1.60 -3.69 -23.48
N VAL A 215 -1.34 -2.62 -22.70
CA VAL A 215 -1.34 -2.70 -21.24
C VAL A 215 -2.68 -3.20 -20.72
N LYS A 216 -2.65 -4.28 -19.94
CA LYS A 216 -3.85 -4.84 -19.33
C LYS A 216 -3.90 -4.50 -17.83
N PRO A 217 -5.05 -4.01 -17.28
CA PRO A 217 -5.14 -3.89 -15.82
C PRO A 217 -5.21 -5.29 -15.22
N ILE A 218 -4.57 -5.55 -14.06
CA ILE A 218 -4.66 -6.91 -13.46
C ILE A 218 -6.04 -7.02 -12.82
N ARG A 219 -6.93 -7.79 -13.42
CA ARG A 219 -8.35 -7.82 -13.02
C ARG A 219 -8.64 -8.45 -11.65
N ASN A 220 -7.75 -9.31 -11.12
CA ASN A 220 -8.00 -9.90 -9.80
C ASN A 220 -7.18 -9.22 -8.68
N LEU A 221 -6.67 -8.02 -8.97
CA LEU A 221 -5.98 -7.14 -8.02
C LEU A 221 -6.84 -5.91 -7.96
N ASN A 222 -6.95 -5.28 -6.79
CA ASN A 222 -7.89 -4.17 -6.63
C ASN A 222 -7.54 -3.22 -5.53
N GLY A 223 -8.09 -2.01 -5.62
CA GLY A 223 -8.05 -1.00 -4.57
C GLY A 223 -9.00 -1.40 -3.47
N HIS A 224 -8.99 -0.69 -2.33
CA HIS A 224 -9.79 -1.12 -1.20
C HIS A 224 -9.98 -0.05 -0.18
N SER A 225 -11.02 -0.20 0.65
CA SER A 225 -11.22 0.70 1.77
C SER A 225 -10.25 0.24 2.87
N ILE A 226 -9.87 1.18 3.73
CA ILE A 226 -8.95 1.00 4.86
C ILE A 226 -9.71 1.37 6.13
N GLY A 227 -9.55 0.54 7.16
CA GLY A 227 -10.10 0.78 8.50
C GLY A 227 -8.96 0.87 9.50
N GLN A 228 -9.28 1.21 10.77
CA GLN A 228 -8.28 1.29 11.84
C GLN A 228 -7.68 -0.10 12.09
N TYR A 229 -6.35 -0.23 11.91
CA TYR A 229 -5.60 -1.50 12.04
C TYR A 229 -6.12 -2.55 11.06
N ARG A 230 -6.79 -2.10 10.00
CA ARG A 230 -7.38 -3.01 9.02
C ARG A 230 -7.09 -2.52 7.60
N ILE A 231 -6.05 -3.08 6.96
CA ILE A 231 -5.59 -2.73 5.63
C ILE A 231 -6.74 -2.83 4.58
N HIS A 232 -7.55 -3.90 4.65
CA HIS A 232 -8.68 -4.08 3.76
C HIS A 232 -9.93 -4.16 4.63
N ALA A 233 -10.67 -3.03 4.72
CA ALA A 233 -11.88 -2.89 5.56
C ALA A 233 -13.16 -3.57 4.99
N GLY A 234 -13.08 -4.13 3.78
CA GLY A 234 -14.21 -4.85 3.20
C GLY A 234 -14.71 -4.40 1.85
N LYS A 235 -14.50 -3.12 1.49
CA LYS A 235 -14.92 -2.62 0.17
C LYS A 235 -13.75 -2.72 -0.82
N THR A 236 -14.07 -3.18 -2.02
CA THR A 236 -13.16 -3.44 -3.13
C THR A 236 -13.37 -2.40 -4.22
N VAL A 237 -12.28 -1.81 -4.75
CA VAL A 237 -12.29 -0.84 -5.83
C VAL A 237 -11.79 -1.63 -7.06
N PRO A 238 -12.68 -2.19 -7.92
CA PRO A 238 -12.17 -2.95 -9.07
C PRO A 238 -11.30 -2.07 -9.98
N ILE A 239 -10.40 -2.68 -10.76
CA ILE A 239 -9.57 -1.89 -11.68
C ILE A 239 -10.01 -2.26 -13.13
N VAL A 240 -11.20 -2.91 -13.21
CA VAL A 240 -11.92 -3.32 -14.42
C VAL A 240 -13.42 -2.98 -14.28
N LYS A 241 -14.16 -3.03 -15.41
CA LYS A 241 -15.59 -2.77 -15.51
C LYS A 241 -16.44 -3.74 -14.67
N ALA A 245 -22.17 -1.92 -7.70
CA ALA A 245 -23.33 -1.82 -6.81
C ALA A 245 -23.03 -0.97 -5.57
N THR A 246 -21.83 -1.15 -4.99
CA THR A 246 -21.38 -0.47 -3.77
C THR A 246 -20.83 0.92 -4.05
N ARG A 247 -21.11 1.86 -3.16
CA ARG A 247 -20.66 3.24 -3.29
C ARG A 247 -19.65 3.60 -2.22
N MET A 248 -18.80 4.58 -2.53
CA MET A 248 -17.87 5.16 -1.56
C MET A 248 -18.76 6.06 -0.69
N GLU A 249 -18.49 6.10 0.62
CA GLU A 249 -19.24 6.88 1.60
C GLU A 249 -18.36 7.94 2.27
N GLU A 250 -18.99 9.00 2.81
CA GLU A 250 -18.34 10.10 3.53
C GLU A 250 -17.55 9.55 4.73
N GLY A 251 -16.36 10.10 4.95
CA GLY A 251 -15.52 9.67 6.06
C GLY A 251 -14.70 8.41 5.80
N GLU A 252 -14.96 7.70 4.69
CA GLU A 252 -14.20 6.50 4.32
C GLU A 252 -12.78 6.85 3.85
N VAL A 253 -11.89 5.84 3.86
CA VAL A 253 -10.47 5.97 3.49
C VAL A 253 -10.18 4.92 2.45
N TYR A 254 -9.57 5.31 1.33
CA TYR A 254 -9.31 4.34 0.29
C TYR A 254 -7.88 4.24 -0.14
N ALA A 255 -7.46 3.02 -0.47
CA ALA A 255 -6.20 2.77 -1.13
C ALA A 255 -6.60 2.65 -2.60
N ILE A 256 -6.21 3.61 -3.44
CA ILE A 256 -6.49 3.57 -4.88
C ILE A 256 -5.21 3.07 -5.52
N GLU A 257 -5.23 1.82 -6.00
CA GLU A 257 -4.08 1.21 -6.63
C GLU A 257 -4.46 0.56 -7.90
N THR A 258 -3.56 0.61 -8.89
CA THR A 258 -3.75 -0.07 -10.16
C THR A 258 -2.46 -0.77 -10.50
N PHE A 259 -2.59 -1.88 -11.21
CA PHE A 259 -1.51 -2.70 -11.71
C PHE A 259 -1.76 -2.92 -13.20
N GLY A 260 -0.74 -2.64 -14.00
CA GLY A 260 -0.75 -2.85 -15.44
C GLY A 260 0.20 -3.99 -15.73
N SER A 261 -0.17 -4.85 -16.72
CA SER A 261 0.64 -6.02 -17.04
C SER A 261 0.79 -6.26 -18.54
N THR A 262 1.94 -6.86 -18.94
CA THR A 262 2.19 -7.29 -20.33
C THR A 262 1.81 -8.79 -20.46
N GLY A 263 1.32 -9.40 -19.39
CA GLY A 263 0.94 -10.81 -19.39
C GLY A 263 -0.53 -11.02 -19.69
N LYS A 264 -1.17 -11.92 -18.93
CA LYS A 264 -2.56 -12.28 -19.05
C LYS A 264 -3.47 -11.27 -18.37
N GLY A 265 -2.92 -10.48 -17.45
CA GLY A 265 -3.68 -9.54 -16.66
C GLY A 265 -4.45 -10.22 -15.54
N VAL A 266 -3.94 -11.39 -15.11
CA VAL A 266 -4.48 -12.20 -14.01
C VAL A 266 -3.26 -12.68 -13.17
N VAL A 267 -3.37 -12.61 -11.84
CA VAL A 267 -2.31 -13.11 -10.98
C VAL A 267 -2.70 -14.45 -10.37
N HIS A 268 -1.70 -15.29 -10.11
CA HIS A 268 -1.86 -16.58 -9.40
C HIS A 268 -0.90 -16.61 -8.21
N ASP A 269 -1.19 -17.41 -7.16
CA ASP A 269 -0.33 -17.58 -5.99
C ASP A 269 0.96 -18.27 -6.45
N ASP A 270 2.11 -17.65 -6.21
CA ASP A 270 3.37 -18.24 -6.64
C ASP A 270 4.45 -18.08 -5.60
N MET A 271 5.51 -18.91 -5.67
CA MET A 271 6.70 -18.87 -4.79
C MET A 271 6.36 -19.16 -3.33
N GLU A 272 7.33 -18.98 -2.42
CA GLU A 272 7.02 -19.19 -1.03
C GLU A 272 6.36 -17.96 -0.40
N CYS A 273 5.55 -18.20 0.61
CA CYS A 273 4.88 -17.15 1.33
C CYS A 273 5.80 -16.38 2.27
N SER A 274 5.61 -15.06 2.35
CA SER A 274 6.36 -14.24 3.30
C SER A 274 5.43 -13.39 4.14
N HIS A 275 4.27 -13.01 3.58
CA HIS A 275 3.29 -12.10 4.19
C HIS A 275 2.20 -12.91 4.85
N TYR A 276 1.81 -12.50 6.06
CA TYR A 276 0.77 -13.11 6.88
C TYR A 276 0.06 -12.01 7.63
N MET A 277 -1.20 -12.26 8.02
CA MET A 277 -1.98 -11.31 8.78
C MET A 277 -3.10 -12.04 9.50
N LYS A 278 -3.30 -11.68 10.76
CA LYS A 278 -4.39 -12.23 11.57
CA LYS A 278 -4.38 -12.24 11.58
C LYS A 278 -5.71 -11.89 10.92
N ASN A 279 -6.64 -12.86 10.83
CA ASN A 279 -7.98 -12.61 10.29
C ASN A 279 -8.62 -11.63 11.29
N PHE A 280 -9.00 -10.43 10.83
CA PHE A 280 -9.57 -9.37 11.66
C PHE A 280 -10.83 -9.81 12.41
N ASP A 281 -11.64 -10.70 11.80
CA ASP A 281 -12.92 -11.14 12.37
C ASP A 281 -12.83 -12.41 13.23
N VAL A 282 -11.62 -12.88 13.55
CA VAL A 282 -11.49 -14.04 14.44
C VAL A 282 -11.27 -13.54 15.88
N GLY A 283 -12.13 -13.99 16.79
CA GLY A 283 -12.06 -13.64 18.21
C GLY A 283 -10.95 -14.37 18.92
N HIS A 284 -10.98 -14.40 20.27
CA HIS A 284 -9.97 -15.12 21.03
C HIS A 284 -10.15 -16.63 20.85
N VAL A 285 -9.07 -17.33 20.47
CA VAL A 285 -9.06 -18.78 20.32
C VAL A 285 -8.06 -19.33 21.35
N PRO A 286 -8.50 -20.19 22.30
CA PRO A 286 -7.54 -20.75 23.28
C PRO A 286 -6.65 -21.80 22.61
N ILE A 287 -5.33 -21.70 22.81
CA ILE A 287 -4.36 -22.63 22.21
C ILE A 287 -3.53 -23.26 23.32
N ARG A 288 -3.39 -24.59 23.30
CA ARG A 288 -2.57 -25.30 24.27
C ARG A 288 -1.20 -25.64 23.68
N LEU A 289 -1.12 -25.99 22.36
CA LEU A 289 0.15 -26.33 21.66
C LEU A 289 1.21 -25.24 21.99
N PRO A 290 2.28 -25.58 22.76
CA PRO A 290 3.17 -24.52 23.28
C PRO A 290 3.81 -23.58 22.27
N ARG A 291 4.37 -24.11 21.16
CA ARG A 291 5.01 -23.26 20.15
C ARG A 291 4.02 -22.41 19.38
N THR A 292 2.80 -22.97 19.15
CA THR A 292 1.71 -22.30 18.44
C THR A 292 1.14 -21.19 19.35
N LYS A 293 0.95 -21.49 20.63
CA LYS A 293 0.46 -20.50 21.62
C LYS A 293 1.44 -19.32 21.72
N HIS A 294 2.74 -19.63 21.85
CA HIS A 294 3.79 -18.61 21.95
C HIS A 294 3.81 -17.72 20.70
N LEU A 295 3.72 -18.32 19.51
CA LEU A 295 3.73 -17.54 18.27
C LEU A 295 2.53 -16.64 18.15
N LEU A 296 1.34 -17.13 18.50
CA LEU A 296 0.14 -16.29 18.44
C LEU A 296 0.28 -15.13 19.43
N ASN A 297 0.90 -15.36 20.60
CA ASN A 297 1.11 -14.30 21.59
C ASN A 297 2.08 -13.26 21.06
N VAL A 298 3.15 -13.70 20.40
CA VAL A 298 4.11 -12.80 19.75
C VAL A 298 3.38 -11.93 18.70
N ILE A 299 2.52 -12.55 17.87
CA ILE A 299 1.72 -11.86 16.83
C ILE A 299 0.77 -10.84 17.49
N ASN A 300 -0.01 -11.26 18.49
CA ASN A 300 -0.95 -10.38 19.20
C ASN A 300 -0.28 -9.15 19.83
N GLU A 301 0.88 -9.35 20.45
CA GLU A 301 1.61 -8.28 21.14
C GLU A 301 2.28 -7.31 20.15
N ASN A 302 2.87 -7.83 19.07
CA ASN A 302 3.65 -7.02 18.14
C ASN A 302 2.93 -6.48 16.93
N PHE A 303 1.96 -7.22 16.41
CA PHE A 303 1.28 -6.86 15.15
C PHE A 303 -0.22 -6.65 15.30
N GLY A 304 -0.87 -7.37 16.22
CA GLY A 304 -2.32 -7.30 16.32
C GLY A 304 -2.96 -7.76 15.01
N THR A 305 -3.81 -6.92 14.42
CA THR A 305 -4.47 -7.25 13.13
C THR A 305 -3.67 -6.69 11.93
N LEU A 306 -2.50 -6.09 12.19
CA LEU A 306 -1.62 -5.59 11.12
C LEU A 306 -0.83 -6.73 10.50
N ALA A 307 -0.54 -6.61 9.20
CA ALA A 307 0.23 -7.59 8.47
C ALA A 307 1.72 -7.65 8.94
N PHE A 308 2.31 -8.84 8.82
CA PHE A 308 3.69 -9.06 9.19
C PHE A 308 4.34 -10.02 8.19
N CYS A 309 5.65 -10.21 8.29
CA CYS A 309 6.37 -11.13 7.44
C CYS A 309 7.30 -11.96 8.33
N ARG A 310 7.86 -13.01 7.76
CA ARG A 310 8.77 -13.90 8.49
C ARG A 310 10.01 -13.19 9.00
N ARG A 311 10.58 -12.23 8.21
CA ARG A 311 11.77 -11.48 8.67
C ARG A 311 11.49 -10.74 9.98
N TRP A 312 10.24 -10.27 10.13
CA TRP A 312 9.82 -9.54 11.34
C TRP A 312 9.69 -10.46 12.55
N LEU A 313 9.46 -11.75 12.34
CA LEU A 313 9.46 -12.73 13.44
C LEU A 313 10.93 -13.04 13.81
N ASP A 314 11.81 -13.20 12.80
CA ASP A 314 13.26 -13.44 13.03
C ASP A 314 13.90 -12.32 13.85
N ARG A 315 13.57 -11.04 13.52
CA ARG A 315 14.16 -9.89 14.22
C ARG A 315 13.72 -9.81 15.67
N LEU A 316 12.58 -10.47 16.02
CA LEU A 316 12.07 -10.51 17.40
C LEU A 316 12.70 -11.68 18.18
N GLY A 317 13.64 -12.38 17.56
CA GLY A 317 14.36 -13.50 18.17
C GLY A 317 13.63 -14.82 18.09
N GLU A 318 12.59 -14.90 17.26
CA GLU A 318 11.83 -16.14 17.08
C GLU A 318 12.50 -17.08 16.08
N SER A 319 12.52 -18.37 16.39
CA SER A 319 13.05 -19.42 15.51
C SER A 319 12.12 -20.63 15.63
N LYS A 320 12.24 -21.59 14.68
CA LYS A 320 11.46 -22.84 14.65
C LYS A 320 9.97 -22.55 14.81
N TYR A 321 9.47 -21.60 13.99
CA TYR A 321 8.08 -21.18 14.11
C TYR A 321 7.28 -21.56 12.88
N LEU A 322 7.89 -22.20 11.87
CA LEU A 322 7.15 -22.49 10.63
C LEU A 322 5.97 -23.41 10.84
N MET A 323 6.13 -24.46 11.65
CA MET A 323 5.00 -25.37 11.93
C MET A 323 3.94 -24.63 12.74
N ALA A 324 4.39 -23.83 13.73
CA ALA A 324 3.48 -23.00 14.55
C ALA A 324 2.70 -22.06 13.64
N LEU A 325 3.39 -21.42 12.67
CA LEU A 325 2.73 -20.51 11.75
C LEU A 325 1.77 -21.23 10.83
N LYS A 326 2.16 -22.44 10.37
CA LYS A 326 1.28 -23.26 9.53
C LYS A 326 0.01 -23.64 10.33
N ASN A 327 0.17 -24.00 11.64
CA ASN A 327 -0.98 -24.33 12.50
C ASN A 327 -1.96 -23.15 12.62
N LEU A 328 -1.43 -21.92 12.82
CA LEU A 328 -2.27 -20.70 12.89
C LEU A 328 -3.02 -20.46 11.57
N CYS A 329 -2.34 -20.71 10.44
CA CYS A 329 -2.97 -20.61 9.13
C CYS A 329 -4.06 -21.71 8.96
N ASP A 330 -3.77 -22.97 9.36
CA ASP A 330 -4.74 -24.08 9.28
C ASP A 330 -5.96 -23.89 10.14
N LEU A 331 -5.81 -23.17 11.28
CA LEU A 331 -6.92 -22.87 12.19
C LEU A 331 -7.73 -21.66 11.73
N GLY A 332 -7.24 -20.95 10.71
CA GLY A 332 -7.89 -19.76 10.18
C GLY A 332 -7.73 -18.53 11.04
N ILE A 333 -6.79 -18.56 12.01
CA ILE A 333 -6.51 -17.43 12.91
C ILE A 333 -5.69 -16.39 12.12
N VAL A 334 -4.72 -16.90 11.36
CA VAL A 334 -3.80 -16.11 10.52
C VAL A 334 -4.03 -16.52 9.07
N ASP A 335 -3.95 -15.57 8.16
CA ASP A 335 -4.10 -15.90 6.75
C ASP A 335 -2.77 -15.67 6.04
N PRO A 336 -2.29 -16.61 5.22
CA PRO A 336 -1.07 -16.32 4.43
C PRO A 336 -1.44 -15.46 3.21
N TYR A 337 -0.52 -14.58 2.75
CA TYR A 337 -0.73 -13.73 1.57
C TYR A 337 0.44 -13.98 0.64
N PRO A 338 0.41 -15.10 -0.13
CA PRO A 338 1.57 -15.42 -0.99
C PRO A 338 1.80 -14.44 -2.13
N PRO A 339 3.02 -14.36 -2.71
CA PRO A 339 3.25 -13.45 -3.84
C PRO A 339 2.22 -13.70 -4.96
N LEU A 340 1.76 -12.61 -5.58
CA LEU A 340 0.76 -12.67 -6.64
C LEU A 340 1.46 -12.34 -7.94
N CYS A 341 1.54 -13.34 -8.84
CA CYS A 341 2.31 -13.22 -10.07
C CYS A 341 1.52 -13.53 -11.33
N ASP A 342 1.79 -12.77 -12.38
CA ASP A 342 1.23 -13.04 -13.71
C ASP A 342 2.19 -14.09 -14.34
N ILE A 343 1.97 -14.46 -15.61
CA ILE A 343 2.75 -15.49 -16.31
C ILE A 343 4.23 -15.18 -16.36
N LYS A 344 5.09 -16.22 -16.40
CA LYS A 344 6.55 -16.04 -16.49
C LYS A 344 6.86 -15.23 -17.73
N GLY A 345 7.80 -14.31 -17.59
CA GLY A 345 8.23 -13.41 -18.66
C GLY A 345 7.41 -12.16 -18.86
N SER A 346 6.29 -12.01 -18.14
CA SER A 346 5.47 -10.80 -18.24
C SER A 346 6.03 -9.71 -17.30
N TYR A 347 5.57 -8.46 -17.49
CA TYR A 347 6.02 -7.30 -16.69
C TYR A 347 4.87 -6.61 -16.07
N THR A 348 5.00 -6.30 -14.77
CA THR A 348 3.92 -5.64 -14.01
C THR A 348 4.42 -4.39 -13.32
N ALA A 349 3.58 -3.34 -13.27
CA ALA A 349 3.88 -2.06 -12.62
C ALA A 349 2.70 -1.69 -11.74
N GLN A 350 2.96 -0.89 -10.70
CA GLN A 350 1.95 -0.47 -9.74
C GLN A 350 2.23 0.93 -9.25
N PHE A 351 1.16 1.70 -9.04
CA PHE A 351 1.17 3.00 -8.39
C PHE A 351 -0.03 2.98 -7.46
N GLU A 352 0.14 3.48 -6.22
CA GLU A 352 -0.91 3.46 -5.21
C GLU A 352 -0.85 4.66 -4.30
N HIS A 353 -2.03 5.21 -3.94
CA HIS A 353 -2.16 6.29 -2.97
C HIS A 353 -3.27 5.99 -2.00
N THR A 354 -3.18 6.60 -0.81
CA THR A 354 -4.23 6.53 0.21
C THR A 354 -5.00 7.85 0.08
N ILE A 355 -6.33 7.77 0.00
CA ILE A 355 -7.16 8.97 -0.13
C ILE A 355 -8.17 9.04 1.01
N LEU A 356 -8.39 10.25 1.53
CA LEU A 356 -9.32 10.48 2.63
C LEU A 356 -10.56 11.16 2.07
N LEU A 357 -11.70 10.48 2.17
CA LEU A 357 -12.97 11.06 1.74
C LEU A 357 -13.52 11.96 2.86
N ARG A 358 -12.88 13.11 3.06
CA ARG A 358 -13.29 14.06 4.11
C ARG A 358 -14.67 14.69 3.77
N PRO A 359 -15.45 15.20 4.76
CA PRO A 359 -16.77 15.78 4.39
C PRO A 359 -16.65 16.98 3.44
N THR A 360 -15.58 17.79 3.58
CA THR A 360 -15.38 18.99 2.77
C THR A 360 -14.72 18.75 1.40
N CYS A 361 -13.77 17.80 1.32
CA CYS A 361 -12.99 17.53 0.10
C CYS A 361 -12.41 16.09 0.09
N LYS A 362 -11.72 15.74 -0.99
CA LYS A 362 -11.02 14.48 -1.17
C LYS A 362 -9.55 14.83 -0.90
N GLU A 363 -8.89 14.11 0.01
CA GLU A 363 -7.49 14.43 0.30
C GLU A 363 -6.61 13.26 -0.12
N VAL A 364 -5.72 13.50 -1.09
CA VAL A 364 -4.76 12.48 -1.55
C VAL A 364 -3.61 12.70 -0.56
N VAL A 365 -3.80 12.15 0.65
CA VAL A 365 -2.92 12.38 1.80
C VAL A 365 -1.46 11.94 1.54
N SER A 366 -1.24 10.88 0.73
CA SER A 366 0.11 10.34 0.45
C SER A 366 0.77 10.93 -0.81
N ARG A 367 0.09 11.89 -1.49
CA ARG A 367 0.64 12.58 -2.67
C ARG A 367 1.93 13.24 -2.28
N GLY A 368 2.88 13.21 -3.21
CA GLY A 368 4.17 13.89 -3.05
C GLY A 368 4.50 14.67 -4.32
N ASP A 369 5.71 15.24 -4.39
CA ASP A 369 6.18 15.91 -5.61
C ASP A 369 6.78 14.86 -6.58
N ASP A 370 6.80 13.58 -6.15
CA ASP A 370 7.32 12.46 -6.90
C ASP A 370 6.20 11.78 -7.69
N TYR A 371 5.10 11.42 -7.00
CA TYR A 371 3.95 10.80 -7.66
C TYR A 371 2.73 11.01 -6.80
P PO4 B . -4.30 -5.95 -3.70
O1 PO4 B . -5.11 -5.11 -2.61
O2 PO4 B . -3.61 -7.16 -3.03
O3 PO4 B . -3.19 -5.03 -4.40
O4 PO4 B . -5.32 -6.46 -4.83
P PO4 C . 14.79 4.76 -15.91
O1 PO4 C . 15.87 4.82 -14.82
O2 PO4 C . 14.17 3.29 -16.01
O3 PO4 C . 13.60 5.76 -15.54
O4 PO4 C . 15.43 5.17 -17.33
P PO4 D . 3.30 -21.54 5.73
O1 PO4 D . 3.44 -21.09 7.22
O2 PO4 D . 2.01 -22.47 5.55
O3 PO4 D . 3.12 -20.26 4.78
O4 PO4 D . 4.62 -22.33 5.29
P PO4 E . -5.05 -4.29 16.74
O1 PO4 E . -4.69 -3.10 17.70
O2 PO4 E . -6.50 -4.06 16.11
O3 PO4 E . -3.94 -4.37 15.58
O4 PO4 E . -5.06 -5.69 17.53
P PO4 F . 8.60 7.12 -8.78
O1 PO4 F . 8.25 7.15 -7.21
O2 PO4 F . 10.13 7.00 -8.98
O3 PO4 F . 8.03 8.46 -9.45
O4 PO4 F . 7.90 5.83 -9.43
P PO4 G . -5.89 -12.08 23.46
O1 PO4 G . -6.98 -11.17 24.19
O2 PO4 G . -5.12 -12.97 24.48
O3 PO4 G . -4.83 -11.14 22.72
O4 PO4 G . -6.63 -12.98 22.37
P PO4 H . -3.45 -27.63 14.75
O1 PO4 H . -3.06 -26.34 15.47
O2 PO4 H . -4.53 -28.40 15.66
O3 PO4 H . -4.11 -27.27 13.34
O4 PO4 H . -2.19 -28.59 14.55
P PO4 I . 5.56 -13.68 24.30
O1 PO4 I . 4.73 -13.41 25.64
O2 PO4 I . 7.07 -13.86 24.64
O3 PO4 I . 5.40 -12.46 23.27
O4 PO4 I . 4.97 -14.97 23.56
P PO4 J . -0.81 -7.56 3.17
O1 PO4 J . -1.83 -6.80 4.13
O2 PO4 J . 0.65 -7.11 3.50
O3 PO4 J . -1.15 -7.20 1.65
O4 PO4 J . -0.94 -9.14 3.36
C13 QVK K . -3.48 -6.72 1.72
C15 QVK K . -5.57 -7.69 2.73
C17 QVK K . -7.18 -8.91 1.37
N01 QVK K . -5.30 -4.72 0.50
C02 QVK K . -3.98 -4.60 0.36
O03 QVK K . -3.46 -3.78 -0.41
C04 QVK K . -3.17 -5.46 1.18
N05 QVK K . -1.90 -5.14 1.55
C06 QVK K . -1.37 -6.13 2.32
C07 QVK K . -0.09 -6.24 2.94
C08 QVK K . 0.22 -7.40 3.61
C09 QVK K . -0.73 -8.41 3.76
CL1 QVK K . -0.33 -9.79 4.73
C11 QVK K . -1.99 -8.32 3.20
C12 QVK K . -2.34 -7.15 2.44
C14 QVK K . -4.76 -7.48 1.60
C16 QVK K . -6.78 -8.43 2.62
C18 QVK K . -6.39 -8.70 0.24
C19 QVK K . -5.19 -7.98 0.34
MN MN L . 0.01 -1.33 -1.06
MN MN M . -3.34 -1.69 -1.04
#